data_8W5G
#
_entry.id   8W5G
#
_cell.length_a   1.00
_cell.length_b   1.00
_cell.length_c   1.00
_cell.angle_alpha   90.00
_cell.angle_beta   90.00
_cell.angle_gamma   90.00
#
_symmetry.space_group_name_H-M   'P 1'
#
loop_
_entity.id
_entity.type
_entity.pdbx_description
1 polymer 'Minor capsid protein A1'
2 polymer 'Light chain of Ab7'
3 polymer 'Heavy chain of Ab7'
#
loop_
_entity_poly.entity_id
_entity_poly.type
_entity_poly.pdbx_seq_one_letter_code
_entity_poly.pdbx_strand_id
1 'polypeptide(L)'
;AKLETVTLGNIGKDGKQTLVLNPRGVNPTNGVASLSQAGAVPALEKRVTVSVSQPSRNRKNYKVQVKIQNPTACTANGSC
DPSVTRQAYADVTFSFTQYSTDEERAFVRTELAALLASPLLIDAIDQLNPAY
;
A,B,C
2 'polypeptide(L)'
;IQMTQSPSSLSASLGERVSLTCRASQDIGSSLNWLQQKPDGTIKRLIYATSNLDSGVPKRFSGSRSGSDYSLTISSLETE
DFVDYYCLQYATSPYTFGGGT
;
L
3 'polypeptide(L)'
;ISCKSSGYAFSSSWMNWVKQRPGKGLEWIGRIYPENGETNYNGKFKGKATLTADKSSRSAYMQLNSLTSEDSAVYFCARS
GYYFSSNYDF
;
H
#
# COMPACT_ATOMS: atom_id res chain seq x y z
N ALA A 1 -0.95 -7.13 -1.54
CA ALA A 1 -0.60 -8.26 -0.69
C ALA A 1 -1.37 -8.20 0.63
N LYS A 2 -0.68 -8.52 1.72
CA LYS A 2 -1.29 -8.48 3.04
C LYS A 2 -1.53 -7.03 3.46
N LEU A 3 -2.51 -6.84 4.34
CA LEU A 3 -2.78 -5.53 4.91
C LEU A 3 -1.80 -5.22 6.04
N GLU A 4 -1.26 -4.00 6.03
CA GLU A 4 -0.44 -3.51 7.15
C GLU A 4 -0.78 -2.05 7.36
N THR A 5 0.06 -1.37 8.16
CA THR A 5 -0.06 0.06 8.32
C THR A 5 0.50 0.76 7.08
N VAL A 6 -0.24 1.72 6.56
CA VAL A 6 0.16 2.48 5.37
C VAL A 6 0.45 3.91 5.81
N THR A 7 1.66 4.37 5.54
CA THR A 7 2.09 5.72 5.90
C THR A 7 2.19 6.57 4.65
N LEU A 8 1.69 7.79 4.73
CA LEU A 8 1.70 8.73 3.62
C LEU A 8 2.51 9.96 4.03
N GLY A 9 3.52 10.30 3.23
CA GLY A 9 4.41 11.40 3.52
C GLY A 9 4.27 12.52 2.51
N ASN A 10 4.61 13.73 2.94
CA ASN A 10 4.59 14.92 2.09
C ASN A 10 3.20 15.14 1.48
N ILE A 11 2.24 15.40 2.36
CA ILE A 11 0.85 15.56 1.99
C ILE A 11 0.47 17.03 2.21
N GLY A 12 -0.65 17.44 1.61
CA GLY A 12 -1.13 18.79 1.73
C GLY A 12 -0.48 19.73 0.72
N LYS A 13 -1.08 20.91 0.58
CA LYS A 13 -0.56 21.90 -0.35
C LYS A 13 0.85 22.33 0.05
N ASP A 14 1.07 22.56 1.35
CA ASP A 14 2.39 22.97 1.83
C ASP A 14 3.42 21.86 1.73
N GLY A 15 2.99 20.61 1.52
CA GLY A 15 3.91 19.50 1.45
C GLY A 15 4.36 18.95 2.79
N LYS A 16 3.87 19.49 3.90
CA LYS A 16 4.22 19.01 5.23
C LYS A 16 2.94 18.60 5.95
N GLN A 17 2.52 17.35 5.71
CA GLN A 17 1.41 16.73 6.42
C GLN A 17 1.71 15.25 6.52
N THR A 18 1.13 14.60 7.53
CA THR A 18 1.31 13.18 7.73
C THR A 18 -0.04 12.51 7.93
N LEU A 19 -0.20 11.35 7.30
CA LEU A 19 -1.40 10.56 7.47
C LEU A 19 -0.99 9.10 7.68
N VAL A 20 -1.59 8.45 8.66
CA VAL A 20 -1.29 7.07 9.01
C VAL A 20 -2.58 6.27 8.90
N LEU A 21 -2.50 5.12 8.23
CA LEU A 21 -3.66 4.27 7.98
C LEU A 21 -3.46 2.93 8.65
N ASN A 22 -4.50 2.45 9.36
CA ASN A 22 -4.47 1.12 9.94
C ASN A 22 -5.44 0.20 9.21
N PRO A 23 -5.09 -1.07 9.06
CA PRO A 23 -5.99 -2.01 8.40
C PRO A 23 -7.26 -2.23 9.21
N ARG A 24 -8.35 -2.53 8.50
CA ARG A 24 -9.64 -2.75 9.14
C ARG A 24 -10.35 -3.96 8.53
N GLY A 25 -9.60 -4.96 8.08
CA GLY A 25 -10.19 -6.17 7.56
C GLY A 25 -10.89 -5.94 6.23
N VAL A 26 -11.51 -7.00 5.75
CA VAL A 26 -12.25 -6.98 4.49
C VAL A 26 -13.68 -7.41 4.75
N ASN A 27 -14.62 -6.66 4.20
CA ASN A 27 -16.04 -6.99 4.36
C ASN A 27 -16.37 -8.21 3.52
N PRO A 28 -16.85 -9.30 4.12
CA PRO A 28 -17.18 -10.50 3.34
C PRO A 28 -18.49 -10.40 2.56
N THR A 29 -19.29 -9.36 2.77
CA THR A 29 -20.54 -9.23 2.03
C THR A 29 -20.28 -9.01 0.54
N ASN A 30 -19.29 -8.18 0.21
CA ASN A 30 -18.98 -7.88 -1.18
C ASN A 30 -17.50 -7.97 -1.53
N GLY A 31 -16.62 -8.18 -0.55
CA GLY A 31 -15.21 -8.30 -0.83
C GLY A 31 -14.54 -6.97 -1.07
N VAL A 32 -14.68 -6.05 -0.12
CA VAL A 32 -14.09 -4.72 -0.21
C VAL A 32 -13.26 -4.49 1.05
N ALA A 33 -11.97 -4.24 0.89
CA ALA A 33 -11.11 -3.96 2.03
C ALA A 33 -11.43 -2.57 2.58
N SER A 34 -10.67 -2.18 3.62
CA SER A 34 -10.87 -0.88 4.23
C SER A 34 -9.61 -0.47 4.95
N LEU A 35 -9.51 0.83 5.21
CA LEU A 35 -8.45 1.42 6.01
C LEU A 35 -9.04 2.52 6.88
N SER A 36 -8.25 2.99 7.83
CA SER A 36 -8.74 3.98 8.78
C SER A 36 -7.58 4.72 9.42
N GLN A 37 -7.88 5.89 9.97
CA GLN A 37 -6.87 6.66 10.68
C GLN A 37 -6.54 6.01 12.01
N ALA A 38 -5.38 6.38 12.56
CA ALA A 38 -4.86 5.69 13.75
C ALA A 38 -5.80 5.85 14.94
N GLY A 39 -5.93 7.07 15.45
CA GLY A 39 -6.78 7.31 16.61
C GLY A 39 -7.94 8.23 16.33
N ALA A 40 -9.16 7.70 16.32
CA ALA A 40 -10.34 8.53 16.07
C ALA A 40 -11.59 7.80 16.52
N VAL A 41 -12.61 8.57 16.85
CA VAL A 41 -13.94 8.00 17.14
C VAL A 41 -14.48 7.36 15.85
N PRO A 42 -15.13 6.20 15.92
CA PRO A 42 -15.47 5.46 14.69
C PRO A 42 -16.41 6.18 13.75
N ALA A 43 -16.76 7.43 14.04
CA ALA A 43 -17.56 8.22 13.13
C ALA A 43 -16.77 9.35 12.46
N LEU A 44 -15.47 9.46 12.71
CA LEU A 44 -14.69 10.60 12.23
C LEU A 44 -13.34 10.20 11.66
N GLU A 45 -13.20 8.98 11.15
CA GLU A 45 -11.95 8.60 10.51
C GLU A 45 -11.94 9.01 9.04
N LYS A 46 -10.96 8.50 8.31
CA LYS A 46 -10.73 8.83 6.90
C LYS A 46 -10.76 7.49 6.16
N ARG A 47 -11.95 7.04 5.78
CA ARG A 47 -12.10 5.72 5.21
C ARG A 47 -11.44 5.62 3.85
N VAL A 48 -10.70 4.54 3.62
CA VAL A 48 -10.08 4.24 2.33
C VAL A 48 -10.44 2.81 1.98
N THR A 49 -11.17 2.63 0.88
CA THR A 49 -11.66 1.32 0.48
C THR A 49 -11.09 0.95 -0.88
N VAL A 50 -10.59 -0.29 -0.99
CA VAL A 50 -10.09 -0.83 -2.24
C VAL A 50 -10.74 -2.19 -2.47
N SER A 51 -10.80 -2.60 -3.72
CA SER A 51 -11.44 -3.86 -4.09
C SER A 51 -11.15 -4.16 -5.55
N VAL A 52 -11.15 -5.46 -5.87
CA VAL A 52 -11.08 -5.92 -7.25
C VAL A 52 -12.34 -6.69 -7.55
N SER A 53 -12.46 -7.17 -8.78
CA SER A 53 -13.66 -7.89 -9.21
C SER A 53 -13.33 -8.75 -10.42
N GLN A 54 -13.59 -10.04 -10.31
CA GLN A 54 -13.40 -10.96 -11.42
C GLN A 54 -14.66 -11.01 -12.29
N PRO A 55 -14.52 -11.39 -13.55
CA PRO A 55 -15.67 -11.34 -14.46
C PRO A 55 -16.72 -12.38 -14.11
N SER A 56 -17.93 -12.13 -14.60
CA SER A 56 -19.09 -13.00 -14.36
C SER A 56 -19.88 -13.06 -15.66
N ARG A 57 -21.14 -13.51 -15.57
CA ARG A 57 -22.01 -13.52 -16.74
C ARG A 57 -22.11 -12.14 -17.37
N ASN A 58 -21.99 -11.09 -16.58
CA ASN A 58 -21.93 -9.72 -17.07
C ASN A 58 -20.53 -9.15 -16.80
N ARG A 59 -20.31 -7.92 -17.25
CA ARG A 59 -19.06 -7.18 -17.06
C ARG A 59 -17.83 -8.05 -17.30
N LYS A 60 -17.66 -8.50 -18.54
CA LYS A 60 -16.61 -9.46 -18.87
C LYS A 60 -15.21 -8.95 -18.58
N ASN A 61 -15.04 -7.63 -18.46
CA ASN A 61 -13.74 -7.05 -18.18
C ASN A 61 -13.52 -6.91 -16.68
N TYR A 62 -12.25 -6.91 -16.28
CA TYR A 62 -11.88 -6.71 -14.89
C TYR A 62 -12.34 -5.34 -14.42
N LYS A 63 -12.30 -5.14 -13.10
CA LYS A 63 -12.75 -3.89 -12.49
C LYS A 63 -12.07 -3.69 -11.14
N VAL A 64 -11.55 -2.49 -10.92
CA VAL A 64 -10.99 -2.10 -9.63
C VAL A 64 -11.67 -0.81 -9.21
N GLN A 65 -12.13 -0.77 -7.96
CA GLN A 65 -12.86 0.38 -7.43
C GLN A 65 -12.17 0.86 -6.17
N VAL A 66 -11.95 2.17 -6.08
CA VAL A 66 -11.33 2.79 -4.91
C VAL A 66 -12.21 3.95 -4.48
N LYS A 67 -12.67 3.92 -3.23
CA LYS A 67 -13.47 5.00 -2.66
C LYS A 67 -12.80 5.49 -1.39
N ILE A 68 -12.77 6.81 -1.22
CA ILE A 68 -12.21 7.43 -0.03
C ILE A 68 -13.18 8.50 0.45
N GLN A 69 -13.24 8.67 1.78
CA GLN A 69 -14.12 9.64 2.39
C GLN A 69 -13.33 10.48 3.38
N ASN A 70 -13.60 11.79 3.39
CA ASN A 70 -12.92 12.73 4.28
C ASN A 70 -13.97 13.59 4.98
N PRO A 71 -14.67 13.05 5.98
CA PRO A 71 -15.59 13.88 6.75
C PRO A 71 -14.83 14.90 7.57
N THR A 72 -15.43 16.08 7.74
CA THR A 72 -14.87 17.14 8.56
C THR A 72 -15.84 17.43 9.70
N ALA A 73 -15.33 17.43 10.92
CA ALA A 73 -16.16 17.58 12.11
C ALA A 73 -15.92 18.94 12.73
N CYS A 74 -17.00 19.66 12.99
CA CYS A 74 -16.95 20.93 13.70
C CYS A 74 -17.70 20.80 15.02
N THR A 75 -17.05 21.21 16.11
CA THR A 75 -17.67 21.10 17.42
C THR A 75 -18.74 22.17 17.58
N ALA A 76 -20.00 21.74 17.74
CA ALA A 76 -21.09 22.67 17.91
C ALA A 76 -20.91 23.48 19.19
N ASN A 77 -21.25 24.76 19.12
CA ASN A 77 -21.09 25.67 20.24
C ASN A 77 -21.92 25.21 21.43
N GLY A 78 -21.27 24.77 22.50
CA GLY A 78 -21.98 24.22 23.63
C GLY A 78 -22.63 22.89 23.31
N SER A 79 -21.81 21.87 23.06
CA SER A 79 -22.31 20.55 22.69
C SER A 79 -21.47 19.48 23.36
N CYS A 80 -22.04 18.28 23.43
CA CYS A 80 -21.38 17.17 24.11
C CYS A 80 -20.21 16.62 23.30
N ASP A 81 -20.49 16.14 22.10
CA ASP A 81 -19.49 15.52 21.24
C ASP A 81 -19.54 16.10 19.83
N PRO A 82 -18.43 16.08 19.10
CA PRO A 82 -18.43 16.66 17.76
C PRO A 82 -19.34 15.90 16.80
N SER A 83 -19.88 16.64 15.83
CA SER A 83 -20.79 16.10 14.83
C SER A 83 -20.21 16.31 13.44
N VAL A 84 -20.53 15.38 12.55
CA VAL A 84 -20.05 15.44 11.17
C VAL A 84 -20.88 16.46 10.40
N THR A 85 -20.20 17.34 9.66
CA THR A 85 -20.87 18.41 8.93
C THR A 85 -20.75 18.26 7.43
N ARG A 86 -19.54 18.14 6.90
CA ARG A 86 -19.31 18.11 5.46
C ARG A 86 -18.67 16.80 5.05
N GLN A 87 -18.78 16.50 3.75
CA GLN A 87 -18.21 15.30 3.17
C GLN A 87 -17.35 15.68 1.97
N ALA A 88 -16.43 14.79 1.61
CA ALA A 88 -15.61 14.99 0.42
C ALA A 88 -15.31 13.60 -0.16
N TYR A 89 -16.16 13.16 -1.07
CA TYR A 89 -15.96 11.86 -1.68
C TYR A 89 -14.89 11.95 -2.77
N ALA A 90 -14.36 10.79 -3.14
CA ALA A 90 -13.46 10.71 -4.29
C ALA A 90 -13.45 9.26 -4.75
N ASP A 91 -14.04 9.00 -5.91
CA ASP A 91 -14.18 7.65 -6.44
C ASP A 91 -13.24 7.46 -7.61
N VAL A 92 -12.46 6.39 -7.57
CA VAL A 92 -11.54 6.05 -8.64
C VAL A 92 -11.84 4.62 -9.06
N THR A 93 -12.26 4.45 -10.32
CA THR A 93 -12.62 3.14 -10.85
C THR A 93 -11.80 2.88 -12.10
N PHE A 94 -11.21 1.70 -12.18
CA PHE A 94 -10.45 1.29 -13.35
C PHE A 94 -11.28 0.34 -14.20
N SER A 95 -10.68 -0.11 -15.30
CA SER A 95 -11.30 -1.09 -16.16
C SER A 95 -10.21 -1.70 -17.05
N PHE A 96 -10.12 -3.02 -17.05
CA PHE A 96 -9.07 -3.73 -17.76
C PHE A 96 -9.65 -4.92 -18.49
N THR A 97 -9.18 -5.13 -19.73
CA THR A 97 -9.58 -6.29 -20.50
C THR A 97 -8.76 -7.50 -20.07
N GLN A 98 -9.36 -8.69 -20.19
CA GLN A 98 -8.73 -9.91 -19.70
C GLN A 98 -7.34 -10.11 -20.30
N TYR A 99 -7.17 -9.74 -21.57
CA TYR A 99 -5.90 -9.94 -22.25
C TYR A 99 -4.90 -8.81 -22.01
N SER A 100 -5.30 -7.77 -21.28
CA SER A 100 -4.40 -6.64 -21.06
C SER A 100 -3.24 -7.06 -20.17
N THR A 101 -2.03 -6.73 -20.60
CA THR A 101 -0.83 -7.10 -19.87
C THR A 101 -0.65 -6.20 -18.65
N ASP A 102 0.44 -6.43 -17.91
CA ASP A 102 0.73 -5.61 -16.75
C ASP A 102 1.28 -4.24 -17.15
N GLU A 103 1.93 -4.16 -18.30
CA GLU A 103 2.51 -2.90 -18.75
C GLU A 103 1.45 -1.81 -18.87
N GLU A 104 0.34 -2.12 -19.53
CA GLU A 104 -0.70 -1.11 -19.75
C GLU A 104 -1.33 -0.69 -18.43
N ARG A 105 -1.62 -1.64 -17.55
CA ARG A 105 -2.20 -1.31 -16.26
C ARG A 105 -1.27 -0.43 -15.45
N ALA A 106 0.02 -0.79 -15.40
CA ALA A 106 0.98 0.01 -14.65
C ALA A 106 1.11 1.40 -15.25
N PHE A 107 1.10 1.51 -16.58
CA PHE A 107 1.19 2.81 -17.23
C PHE A 107 -0.02 3.67 -16.88
N VAL A 108 -1.22 3.09 -16.88
CA VAL A 108 -2.41 3.85 -16.51
C VAL A 108 -2.29 4.33 -15.07
N ARG A 109 -1.88 3.44 -14.17
CA ARG A 109 -1.80 3.79 -12.76
C ARG A 109 -0.80 4.93 -12.54
N THR A 110 0.39 4.83 -13.13
CA THR A 110 1.39 5.86 -12.90
C THR A 110 1.03 7.16 -13.60
N GLU A 111 0.37 7.10 -14.76
CA GLU A 111 -0.08 8.32 -15.40
C GLU A 111 -1.12 9.04 -14.56
N LEU A 112 -2.06 8.29 -13.98
CA LEU A 112 -3.04 8.89 -13.09
C LEU A 112 -2.37 9.47 -11.85
N ALA A 113 -1.35 8.78 -11.33
CA ALA A 113 -0.64 9.29 -10.17
C ALA A 113 0.10 10.58 -10.48
N ALA A 114 0.73 10.67 -11.65
CA ALA A 114 1.49 11.86 -12.01
C ALA A 114 0.62 13.02 -12.43
N LEU A 115 -0.57 12.75 -12.98
CA LEU A 115 -1.44 13.84 -13.42
C LEU A 115 -1.86 14.72 -12.26
N LEU A 116 -2.13 14.12 -11.10
CA LEU A 116 -2.61 14.88 -9.95
C LEU A 116 -1.57 15.83 -9.38
N ALA A 117 -0.37 15.88 -9.95
CA ALA A 117 0.62 16.89 -9.59
C ALA A 117 0.87 17.90 -10.68
N SER A 118 0.22 17.74 -11.84
CA SER A 118 0.37 18.71 -12.92
C SER A 118 -0.35 20.01 -12.56
N PRO A 119 0.14 21.15 -13.04
CA PRO A 119 -0.50 22.43 -12.71
C PRO A 119 -1.97 22.48 -13.10
N LEU A 120 -2.33 21.88 -14.23
CA LEU A 120 -3.73 21.88 -14.66
C LEU A 120 -4.64 21.28 -13.59
N LEU A 121 -4.29 20.09 -13.10
CA LEU A 121 -5.18 19.41 -12.16
C LEU A 121 -5.19 20.08 -10.80
N ILE A 122 -4.03 20.55 -10.33
CA ILE A 122 -4.03 21.18 -9.01
C ILE A 122 -4.85 22.46 -9.06
N ASP A 123 -4.80 23.21 -10.17
CA ASP A 123 -5.64 24.39 -10.27
C ASP A 123 -7.11 23.98 -10.37
N ALA A 124 -7.42 22.99 -11.19
CA ALA A 124 -8.81 22.58 -11.37
C ALA A 124 -9.40 21.95 -10.11
N ILE A 125 -8.57 21.56 -9.15
CA ILE A 125 -9.04 20.97 -7.90
C ILE A 125 -9.12 21.99 -6.78
N ASP A 126 -8.03 22.75 -6.57
CA ASP A 126 -7.97 23.65 -5.42
C ASP A 126 -8.99 24.77 -5.54
N GLN A 127 -9.02 25.45 -6.68
CA GLN A 127 -9.95 26.55 -6.91
C GLN A 127 -11.12 26.19 -7.80
N LEU A 128 -11.12 25.00 -8.41
CA LEU A 128 -12.18 24.53 -9.29
C LEU A 128 -12.42 25.52 -10.44
N ASN A 129 -11.36 25.71 -11.21
CA ASN A 129 -11.40 26.54 -12.41
C ASN A 129 -11.23 25.66 -13.63
N PRO A 130 -12.23 25.56 -14.50
CA PRO A 130 -12.10 24.67 -15.66
C PRO A 130 -11.08 25.19 -16.67
N ALA A 131 -10.98 24.49 -17.79
CA ALA A 131 -10.09 24.93 -18.86
C ALA A 131 -10.79 25.96 -19.74
N ALA B 1 -6.58 27.60 -14.91
CA ALA B 1 -5.60 27.70 -15.98
C ALA B 1 -6.17 27.20 -17.30
N LYS B 2 -5.44 27.44 -18.38
CA LYS B 2 -5.86 27.02 -19.71
C LYS B 2 -5.12 25.75 -20.11
N LEU B 3 -5.30 25.35 -21.36
CA LEU B 3 -4.69 24.12 -21.85
C LEU B 3 -3.37 24.43 -22.55
N GLU B 4 -2.31 23.74 -22.13
CA GLU B 4 -1.02 23.83 -22.78
C GLU B 4 -0.47 22.42 -22.98
N THR B 5 0.77 22.32 -23.44
CA THR B 5 1.38 21.02 -23.63
C THR B 5 1.71 20.38 -22.30
N VAL B 6 0.80 19.59 -21.75
CA VAL B 6 1.04 18.93 -20.48
C VAL B 6 2.02 17.80 -20.70
N THR B 7 3.22 17.93 -20.14
CA THR B 7 4.29 16.95 -20.32
C THR B 7 4.50 16.19 -19.01
N LEU B 8 4.69 14.88 -19.13
CA LEU B 8 4.93 14.02 -17.98
C LEU B 8 6.21 13.22 -18.22
N GLY B 9 7.09 13.21 -17.22
CA GLY B 9 8.36 12.52 -17.36
C GLY B 9 8.56 11.53 -16.24
N ASN B 10 9.45 10.57 -16.49
CA ASN B 10 9.76 9.49 -15.56
C ASN B 10 8.49 8.74 -15.15
N ILE B 11 7.86 8.12 -16.14
CA ILE B 11 6.54 7.55 -16.00
C ILE B 11 6.56 6.10 -16.51
N GLY B 12 5.91 5.22 -15.76
CA GLY B 12 5.73 3.85 -16.21
C GLY B 12 6.65 2.86 -15.54
N LYS B 13 6.56 1.62 -16.02
CA LYS B 13 7.46 0.58 -15.57
C LYS B 13 8.91 0.98 -15.84
N ASP B 14 9.77 0.71 -14.86
CA ASP B 14 11.19 1.06 -14.89
C ASP B 14 11.38 2.56 -14.72
N GLY B 15 10.29 3.31 -14.70
CA GLY B 15 10.34 4.74 -14.43
C GLY B 15 11.20 5.54 -15.39
N LYS B 16 11.11 5.24 -16.68
CA LYS B 16 11.87 5.97 -17.70
C LYS B 16 11.02 6.52 -18.84
N GLN B 17 9.88 5.92 -19.14
CA GLN B 17 9.07 6.38 -20.26
C GLN B 17 8.52 7.78 -19.99
N THR B 18 8.51 8.61 -21.02
CA THR B 18 7.94 9.96 -20.93
C THR B 18 6.77 10.08 -21.89
N LEU B 19 5.87 11.02 -21.57
CA LEU B 19 4.67 11.23 -22.36
C LEU B 19 4.44 12.72 -22.54
N VAL B 20 4.16 13.12 -23.77
CA VAL B 20 3.80 14.50 -24.09
C VAL B 20 2.34 14.52 -24.52
N LEU B 21 1.69 15.67 -24.32
CA LEU B 21 0.30 15.83 -24.67
C LEU B 21 0.10 17.19 -25.31
N ASN B 22 -1.00 17.33 -26.05
CA ASN B 22 -1.34 18.59 -26.69
C ASN B 22 -2.80 18.92 -26.45
N PRO B 23 -3.13 20.20 -26.35
CA PRO B 23 -4.54 20.58 -26.20
C PRO B 23 -5.32 20.27 -27.47
N ARG B 24 -6.60 19.95 -27.28
CA ARG B 24 -7.47 19.63 -28.39
C ARG B 24 -8.83 20.29 -28.21
N GLY B 25 -8.82 21.56 -27.80
CA GLY B 25 -10.05 22.33 -27.70
C GLY B 25 -10.91 21.91 -26.52
N VAL B 26 -11.99 22.67 -26.29
CA VAL B 26 -12.93 22.40 -25.21
C VAL B 26 -14.31 22.29 -25.81
N ASN B 27 -14.97 21.15 -25.57
CA ASN B 27 -16.35 20.99 -26.02
C ASN B 27 -17.25 21.87 -25.16
N PRO B 28 -17.99 22.82 -25.75
CA PRO B 28 -18.85 23.69 -24.94
C PRO B 28 -20.20 23.07 -24.58
N THR B 29 -20.54 21.92 -25.15
CA THR B 29 -21.84 21.33 -24.87
C THR B 29 -21.93 20.86 -23.42
N ASN B 30 -21.06 19.93 -23.04
CA ASN B 30 -21.05 19.38 -21.69
C ASN B 30 -19.96 19.97 -20.81
N GLY B 31 -19.30 21.03 -21.27
CA GLY B 31 -18.27 21.69 -20.49
C GLY B 31 -17.09 20.79 -20.17
N VAL B 32 -16.59 20.07 -21.17
CA VAL B 32 -15.54 19.08 -20.99
C VAL B 32 -14.33 19.50 -21.81
N ALA B 33 -13.17 19.55 -21.17
CA ALA B 33 -11.91 19.77 -21.86
C ALA B 33 -11.31 18.43 -22.27
N SER B 34 -10.50 18.45 -23.32
CA SER B 34 -9.92 17.23 -23.87
C SER B 34 -8.45 17.44 -24.18
N LEU B 35 -7.67 16.37 -24.02
CA LEU B 35 -6.28 16.34 -24.42
C LEU B 35 -6.05 15.13 -25.34
N SER B 36 -4.84 15.05 -25.88
CA SER B 36 -4.50 13.95 -26.77
C SER B 36 -2.99 13.88 -26.92
N GLN B 37 -2.53 12.76 -27.50
CA GLN B 37 -1.13 12.60 -27.85
C GLN B 37 -0.90 13.09 -29.28
N ALA B 38 0.35 13.04 -29.72
CA ALA B 38 0.73 13.61 -31.00
C ALA B 38 0.52 12.66 -32.17
N GLY B 39 0.06 11.43 -31.93
CA GLY B 39 -0.15 10.51 -33.03
C GLY B 39 -1.23 10.99 -33.97
N ALA B 40 -1.04 10.73 -35.27
CA ALA B 40 -1.95 11.20 -36.31
C ALA B 40 -3.00 10.14 -36.68
N VAL B 41 -3.69 9.60 -35.67
CA VAL B 41 -4.78 8.66 -35.90
C VAL B 41 -5.89 8.97 -34.90
N PRO B 42 -7.12 9.22 -35.36
CA PRO B 42 -8.18 9.65 -34.44
C PRO B 42 -8.59 8.61 -33.41
N ALA B 43 -8.27 7.33 -33.59
CA ALA B 43 -8.75 6.29 -32.69
C ALA B 43 -7.62 5.48 -32.07
N LEU B 44 -6.40 6.00 -32.08
CA LEU B 44 -5.26 5.35 -31.46
C LEU B 44 -4.49 6.33 -30.59
N GLU B 45 -5.19 7.26 -29.94
CA GLU B 45 -4.58 8.35 -29.21
C GLU B 45 -4.94 8.26 -27.74
N LYS B 46 -3.94 8.40 -26.88
CA LYS B 46 -4.19 8.58 -25.46
C LYS B 46 -5.01 9.84 -25.25
N ARG B 47 -6.07 9.73 -24.45
CA ARG B 47 -6.99 10.85 -24.26
C ARG B 47 -7.16 11.15 -22.78
N VAL B 48 -7.04 12.43 -22.43
CA VAL B 48 -7.25 12.90 -21.07
C VAL B 48 -8.35 13.95 -21.11
N THR B 49 -9.38 13.75 -20.29
CA THR B 49 -10.50 14.68 -20.22
C THR B 49 -10.70 15.14 -18.79
N VAL B 50 -10.82 16.45 -18.60
CA VAL B 50 -11.10 17.03 -17.29
C VAL B 50 -12.32 17.93 -17.43
N SER B 51 -13.05 18.11 -16.34
CA SER B 51 -14.27 18.90 -16.36
C SER B 51 -14.68 19.21 -14.93
N VAL B 52 -15.59 20.17 -14.80
CA VAL B 52 -16.23 20.47 -13.52
C VAL B 52 -17.73 20.35 -13.73
N SER B 53 -18.50 20.62 -12.67
CA SER B 53 -19.95 20.64 -12.79
C SER B 53 -20.49 21.62 -11.77
N GLN B 54 -20.90 22.80 -12.24
CA GLN B 54 -21.49 23.78 -11.33
C GLN B 54 -22.79 23.22 -10.76
N PRO B 55 -23.10 23.55 -9.50
CA PRO B 55 -24.29 22.98 -8.88
C PRO B 55 -25.56 23.47 -9.56
N SER B 56 -26.48 22.54 -9.79
CA SER B 56 -27.77 22.83 -10.38
C SER B 56 -28.84 22.82 -9.29
N ARG B 57 -30.10 22.94 -9.70
CA ARG B 57 -31.21 22.81 -8.78
C ARG B 57 -31.55 21.35 -8.50
N ASN B 58 -30.81 20.41 -9.09
CA ASN B 58 -31.04 18.99 -8.89
C ASN B 58 -29.88 18.27 -8.23
N ARG B 59 -28.70 18.88 -8.12
CA ARG B 59 -27.53 18.23 -7.56
C ARG B 59 -27.05 18.88 -6.28
N LYS B 60 -26.81 20.19 -6.29
CA LYS B 60 -26.34 20.93 -5.12
C LYS B 60 -25.04 20.34 -4.58
N ASN B 61 -24.14 19.97 -5.48
CA ASN B 61 -22.91 19.29 -5.10
C ASN B 61 -21.89 19.47 -6.20
N TYR B 62 -20.75 20.08 -5.88
CA TYR B 62 -19.68 20.24 -6.84
C TYR B 62 -19.18 18.88 -7.31
N LYS B 63 -18.90 18.76 -8.60
CA LYS B 63 -18.40 17.52 -9.18
C LYS B 63 -17.24 17.82 -10.12
N VAL B 64 -16.09 17.22 -9.84
CA VAL B 64 -14.92 17.30 -10.72
C VAL B 64 -14.63 15.89 -11.20
N GLN B 65 -14.63 15.71 -12.52
CA GLN B 65 -14.52 14.39 -13.12
C GLN B 65 -13.35 14.37 -14.09
N VAL B 66 -12.42 13.44 -13.88
CA VAL B 66 -11.23 13.30 -14.72
C VAL B 66 -11.24 11.89 -15.28
N LYS B 67 -11.12 11.78 -16.60
CA LYS B 67 -11.16 10.49 -17.29
C LYS B 67 -9.88 10.28 -18.09
N ILE B 68 -9.48 9.02 -18.17
CA ILE B 68 -8.30 8.60 -18.92
C ILE B 68 -8.67 7.37 -19.74
N GLN B 69 -8.12 7.26 -20.94
CA GLN B 69 -8.33 6.06 -21.75
C GLN B 69 -7.12 5.86 -22.66
N ASN B 70 -6.70 4.61 -22.77
CA ASN B 70 -5.56 4.23 -23.61
C ASN B 70 -5.98 3.07 -24.50
N PRO B 71 -5.84 3.18 -25.81
CA PRO B 71 -6.09 2.05 -26.70
C PRO B 71 -4.82 1.26 -26.96
N THR B 72 -4.98 0.16 -27.68
CA THR B 72 -3.88 -0.72 -28.04
C THR B 72 -3.72 -0.79 -29.56
N ALA B 73 -2.57 -1.27 -29.98
CA ALA B 73 -2.23 -1.34 -31.40
C ALA B 73 -1.88 -2.77 -31.78
N CYS B 74 -2.49 -3.25 -32.86
CA CYS B 74 -2.20 -4.58 -33.40
C CYS B 74 -2.27 -4.50 -34.92
N THR B 75 -1.23 -5.01 -35.58
CA THR B 75 -1.15 -4.97 -37.03
C THR B 75 -1.59 -6.31 -37.61
N ALA B 76 -2.47 -6.26 -38.59
CA ALA B 76 -2.97 -7.48 -39.24
C ALA B 76 -2.89 -7.35 -40.76
N ASP B 81 -3.34 -1.13 -42.39
CA ASP B 81 -3.73 -0.18 -41.35
C ASP B 81 -3.97 -0.88 -40.03
N PRO B 82 -3.25 -0.47 -38.98
CA PRO B 82 -3.44 -1.10 -37.67
C PRO B 82 -4.81 -0.82 -37.10
N SER B 83 -5.29 -1.75 -36.30
CA SER B 83 -6.61 -1.66 -35.68
C SER B 83 -6.49 -1.62 -34.17
N VAL B 84 -7.62 -1.38 -33.51
CA VAL B 84 -7.70 -1.29 -32.06
C VAL B 84 -8.23 -2.61 -31.51
N THR B 85 -7.58 -3.12 -30.48
CA THR B 85 -7.94 -4.42 -29.91
C THR B 85 -8.51 -4.32 -28.51
N ARG B 86 -7.81 -3.68 -27.58
CA ARG B 86 -8.20 -3.63 -26.18
C ARG B 86 -8.34 -2.19 -25.73
N GLN B 87 -9.39 -1.91 -24.97
CA GLN B 87 -9.53 -0.63 -24.29
C GLN B 87 -9.20 -0.78 -22.82
N ALA B 88 -8.58 0.26 -22.26
CA ALA B 88 -8.21 0.24 -20.84
C ALA B 88 -8.34 1.68 -20.33
N TYR B 89 -9.50 1.98 -19.77
CA TYR B 89 -9.82 3.33 -19.35
C TYR B 89 -10.23 3.38 -17.88
N ALA B 90 -9.96 4.51 -17.26
CA ALA B 90 -10.21 4.71 -15.84
C ALA B 90 -10.90 6.04 -15.62
N ASP B 91 -11.67 6.13 -14.53
CA ASP B 91 -12.44 7.31 -14.20
C ASP B 91 -12.13 7.77 -12.78
N VAL B 92 -12.08 9.08 -12.59
CA VAL B 92 -11.90 9.68 -11.27
C VAL B 92 -12.97 10.74 -11.09
N THR B 93 -13.76 10.63 -10.02
CA THR B 93 -14.81 11.59 -9.74
C THR B 93 -14.64 12.11 -8.32
N PHE B 94 -14.51 13.43 -8.19
CA PHE B 94 -14.49 14.09 -6.90
C PHE B 94 -15.83 14.73 -6.62
N SER B 95 -16.20 14.77 -5.34
CA SER B 95 -17.43 15.44 -4.92
C SER B 95 -17.10 16.36 -3.75
N PHE B 96 -17.53 17.61 -3.84
CA PHE B 96 -17.25 18.61 -2.82
C PHE B 96 -18.52 19.39 -2.51
N THR B 97 -18.67 19.74 -1.24
CA THR B 97 -19.80 20.54 -0.79
C THR B 97 -19.49 22.02 -0.96
N GLN B 98 -20.55 22.84 -1.02
CA GLN B 98 -20.38 24.26 -1.30
C GLN B 98 -19.40 24.93 -0.34
N TYR B 99 -19.37 24.50 0.92
CA TYR B 99 -18.49 25.07 1.92
C TYR B 99 -17.21 24.28 2.08
N SER B 100 -16.76 23.60 1.03
CA SER B 100 -15.51 22.86 1.08
C SER B 100 -14.35 23.84 1.05
N THR B 101 -13.45 23.73 2.02
CA THR B 101 -12.30 24.62 2.05
C THR B 101 -11.28 24.21 0.98
N ASP B 102 -10.32 25.11 0.73
CA ASP B 102 -9.24 24.79 -0.19
C ASP B 102 -8.33 23.74 0.41
N GLU B 103 -8.04 23.84 1.71
CA GLU B 103 -7.18 22.87 2.38
C GLU B 103 -7.75 21.46 2.27
N GLU B 104 -9.06 21.32 2.47
CA GLU B 104 -9.69 20.01 2.44
C GLU B 104 -9.56 19.36 1.06
N ARG B 105 -9.92 20.11 0.01
CA ARG B 105 -9.85 19.56 -1.33
C ARG B 105 -8.42 19.22 -1.73
N ALA B 106 -7.48 20.13 -1.44
CA ALA B 106 -6.09 19.86 -1.79
C ALA B 106 -5.57 18.65 -1.04
N PHE B 107 -5.93 18.51 0.23
CA PHE B 107 -5.53 17.35 1.02
C PHE B 107 -6.06 16.06 0.40
N VAL B 108 -7.35 16.05 0.04
CA VAL B 108 -7.93 14.85 -0.57
C VAL B 108 -7.19 14.49 -1.84
N ARG B 109 -6.99 15.48 -2.72
CA ARG B 109 -6.33 15.23 -3.99
C ARG B 109 -4.93 14.65 -3.78
N THR B 110 -4.11 15.33 -2.97
CA THR B 110 -2.72 14.92 -2.86
C THR B 110 -2.59 13.59 -2.12
N GLU B 111 -3.48 13.30 -1.15
CA GLU B 111 -3.35 12.03 -0.47
C GLU B 111 -3.82 10.89 -1.36
N LEU B 112 -4.80 11.15 -2.23
CA LEU B 112 -5.13 10.16 -3.25
C LEU B 112 -3.94 9.92 -4.17
N ALA B 113 -3.27 10.99 -4.58
CA ALA B 113 -2.11 10.84 -5.47
C ALA B 113 -1.01 10.04 -4.82
N ALA B 114 -0.73 10.31 -3.54
CA ALA B 114 0.33 9.60 -2.84
C ALA B 114 -0.05 8.14 -2.60
N LEU B 115 -1.26 7.89 -2.11
CA LEU B 115 -1.70 6.53 -1.85
C LEU B 115 -1.83 5.71 -3.12
N LEU B 116 -2.00 6.35 -4.27
CA LEU B 116 -2.07 5.62 -5.53
C LEU B 116 -0.73 4.99 -5.91
N ALA B 117 0.36 5.45 -5.31
CA ALA B 117 1.68 4.86 -5.53
C ALA B 117 2.10 3.94 -4.38
N SER B 118 1.20 3.66 -3.44
CA SER B 118 1.54 2.78 -2.33
C SER B 118 1.65 1.33 -2.82
N PRO B 119 2.50 0.53 -2.17
CA PRO B 119 2.66 -0.87 -2.61
C PRO B 119 1.37 -1.66 -2.61
N LEU B 120 0.47 -1.39 -1.66
CA LEU B 120 -0.82 -2.07 -1.66
C LEU B 120 -1.55 -1.88 -2.98
N LEU B 121 -1.63 -0.64 -3.45
CA LEU B 121 -2.35 -0.40 -4.70
C LEU B 121 -1.60 -0.92 -5.92
N ILE B 122 -0.27 -0.88 -5.92
CA ILE B 122 0.44 -1.38 -7.09
C ILE B 122 0.28 -2.90 -7.20
N ASP B 123 0.23 -3.60 -6.06
CA ASP B 123 -0.07 -5.03 -6.13
C ASP B 123 -1.55 -5.29 -6.36
N ALA B 124 -2.43 -4.35 -6.03
CA ALA B 124 -3.84 -4.52 -6.34
C ALA B 124 -4.19 -4.16 -7.78
N ILE B 125 -3.30 -3.48 -8.48
CA ILE B 125 -3.55 -3.06 -9.86
C ILE B 125 -2.75 -3.90 -10.85
N ASP B 126 -1.42 -3.94 -10.70
CA ASP B 126 -0.58 -4.57 -11.70
C ASP B 126 -0.82 -6.08 -11.77
N GLN B 127 -0.98 -6.73 -10.62
CA GLN B 127 -1.28 -8.16 -10.59
C GLN B 127 -2.70 -8.46 -10.14
N LEU B 128 -3.47 -7.43 -9.77
CA LEU B 128 -4.88 -7.57 -9.41
C LEU B 128 -5.08 -8.51 -8.22
N ASN B 129 -4.10 -8.59 -7.34
CA ASN B 129 -4.27 -9.38 -6.12
C ASN B 129 -5.22 -8.65 -5.18
N PRO B 130 -6.36 -9.25 -4.82
CA PRO B 130 -7.25 -8.58 -3.87
C PRO B 130 -6.57 -8.39 -2.52
N ALA B 131 -6.94 -7.31 -1.84
CA ALA B 131 -6.34 -6.99 -0.55
C ALA B 131 -6.72 -8.03 0.50
N ILE C 1 23.14 -19.76 -2.19
CA ILE C 1 22.58 -20.17 -3.46
C ILE C 1 23.60 -19.88 -4.56
N GLN C 2 24.81 -20.41 -4.39
CA GLN C 2 25.90 -20.09 -5.30
C GLN C 2 25.70 -20.72 -6.67
N MET C 3 26.27 -20.07 -7.68
CA MET C 3 26.40 -20.60 -9.03
C MET C 3 27.86 -20.79 -9.37
N THR C 4 28.11 -21.54 -10.44
CA THR C 4 29.47 -21.79 -10.90
C THR C 4 29.55 -21.48 -12.40
N GLN C 5 30.74 -21.05 -12.82
CA GLN C 5 30.99 -20.72 -14.21
C GLN C 5 32.43 -21.07 -14.56
N SER C 6 32.66 -21.33 -15.84
CA SER C 6 33.98 -21.74 -16.30
C SER C 6 34.91 -20.54 -16.34
N PRO C 7 36.01 -20.54 -15.59
CA PRO C 7 36.92 -19.40 -15.59
C PRO C 7 38.05 -19.58 -16.61
N SER C 8 38.83 -18.51 -16.75
CA SER C 8 40.04 -18.49 -17.59
C SER C 8 39.74 -18.89 -19.03
N SER C 9 38.89 -18.08 -19.67
CA SER C 9 38.62 -18.26 -21.09
C SER C 9 39.88 -18.05 -21.92
N LEU C 10 40.43 -16.83 -21.87
CA LEU C 10 41.70 -16.49 -22.51
C LEU C 10 41.72 -16.86 -24.00
N SER C 11 40.61 -16.64 -24.69
CA SER C 11 40.51 -16.93 -26.11
C SER C 11 41.00 -15.71 -26.89
N ALA C 12 42.21 -15.81 -27.44
CA ALA C 12 42.79 -14.73 -28.22
C ALA C 12 42.34 -14.75 -29.68
N SER C 13 41.56 -15.76 -30.09
CA SER C 13 41.11 -15.87 -31.46
C SER C 13 39.93 -14.92 -31.71
N LEU C 14 39.61 -14.74 -32.99
CA LEU C 14 38.48 -13.90 -33.40
C LEU C 14 37.19 -14.72 -33.52
N GLY C 15 37.23 -15.82 -34.26
CA GLY C 15 36.09 -16.70 -34.35
C GLY C 15 36.03 -17.65 -33.18
N GLU C 16 35.11 -17.39 -32.24
CA GLU C 16 35.04 -18.14 -31.01
C GLU C 16 33.60 -18.53 -30.71
N ARG C 17 33.44 -19.73 -30.16
CA ARG C 17 32.16 -20.25 -29.68
C ARG C 17 32.35 -20.88 -28.31
N VAL C 18 33.09 -20.19 -27.43
CA VAL C 18 33.43 -20.75 -26.13
C VAL C 18 32.18 -20.92 -25.28
N SER C 19 31.23 -19.99 -25.37
CA SER C 19 29.92 -20.11 -24.74
C SER C 19 30.03 -20.31 -23.23
N LEU C 20 30.38 -19.22 -22.55
CA LEU C 20 30.47 -19.24 -21.08
C LEU C 20 29.15 -19.71 -20.47
N THR C 21 29.26 -20.64 -19.52
CA THR C 21 28.11 -21.24 -18.88
C THR C 21 28.02 -20.84 -17.42
N CYS C 22 26.79 -20.76 -16.91
CA CYS C 22 26.54 -20.45 -15.51
C CYS C 22 25.63 -21.54 -14.94
N ARG C 23 26.19 -22.37 -14.07
CA ARG C 23 25.47 -23.53 -13.54
C ARG C 23 24.65 -23.10 -12.33
N ALA C 24 23.33 -23.23 -12.45
CA ALA C 24 22.43 -22.88 -11.36
C ALA C 24 22.33 -24.02 -10.37
N SER C 25 22.52 -23.71 -9.08
CA SER C 25 22.43 -24.74 -8.04
C SER C 25 20.98 -25.15 -7.80
N GLN C 26 20.14 -24.20 -7.42
CA GLN C 26 18.72 -24.48 -7.28
C GLN C 26 18.08 -24.72 -8.64
N ASP C 27 16.91 -25.34 -8.62
CA ASP C 27 16.22 -25.76 -9.85
C ASP C 27 15.17 -24.74 -10.29
N ILE C 28 15.14 -23.56 -9.67
CA ILE C 28 14.13 -22.57 -9.97
C ILE C 28 14.55 -21.75 -11.18
N GLY C 29 15.66 -21.01 -11.05
CA GLY C 29 16.15 -20.20 -12.17
C GLY C 29 15.10 -19.24 -12.68
N SER C 30 14.94 -19.22 -14.00
CA SER C 30 13.97 -18.42 -14.75
C SER C 30 14.24 -16.92 -14.69
N SER C 31 15.35 -16.49 -14.07
CA SER C 31 15.66 -15.06 -14.01
C SER C 31 17.18 -14.94 -13.82
N LEU C 32 17.87 -14.62 -14.90
CA LEU C 32 19.33 -14.56 -14.89
C LEU C 32 19.80 -13.27 -15.55
N ASN C 33 20.87 -12.69 -15.00
CA ASN C 33 21.46 -11.47 -15.52
C ASN C 33 22.93 -11.72 -15.81
N TRP C 34 23.43 -11.10 -16.88
CA TRP C 34 24.83 -11.23 -17.26
C TRP C 34 25.48 -9.85 -17.25
N LEU C 35 26.60 -9.75 -16.54
CA LEU C 35 27.34 -8.51 -16.38
C LEU C 35 28.73 -8.64 -16.99
N GLN C 36 29.24 -7.54 -17.53
CA GLN C 36 30.61 -7.50 -18.04
C GLN C 36 31.41 -6.46 -17.26
N GLN C 37 32.71 -6.70 -17.17
CA GLN C 37 33.62 -5.85 -16.41
C GLN C 37 34.47 -5.05 -17.40
N LYS C 38 34.39 -3.74 -17.31
CA LYS C 38 35.36 -2.90 -18.00
C LYS C 38 36.71 -3.01 -17.31
N PRO C 39 37.83 -2.96 -18.04
CA PRO C 39 39.13 -3.11 -17.39
C PRO C 39 39.40 -2.06 -16.32
N ASP C 40 38.93 -0.82 -16.52
CA ASP C 40 39.17 0.26 -15.58
C ASP C 40 37.91 1.08 -15.29
N GLY C 41 36.73 0.50 -15.48
CA GLY C 41 35.50 1.25 -15.29
C GLY C 41 34.40 0.48 -14.57
N THR C 42 33.18 0.98 -14.69
CA THR C 42 32.02 0.37 -14.05
C THR C 42 31.56 -0.82 -14.89
N ILE C 43 30.37 -1.33 -14.60
CA ILE C 43 29.84 -2.51 -15.28
C ILE C 43 28.47 -2.18 -15.87
N LYS C 44 28.09 -2.95 -16.88
CA LYS C 44 26.83 -2.75 -17.59
C LYS C 44 26.22 -4.11 -17.90
N ARG C 45 24.91 -4.21 -17.69
CA ARG C 45 24.21 -5.48 -17.83
C ARG C 45 23.97 -5.81 -19.29
N LEU C 46 23.92 -7.11 -19.58
CA LEU C 46 23.83 -7.62 -20.95
C LEU C 46 22.45 -8.14 -21.28
N ILE C 47 21.93 -9.11 -20.52
CA ILE C 47 20.59 -9.63 -20.73
C ILE C 47 19.87 -9.64 -19.39
N TYR C 48 18.75 -8.92 -19.29
CA TYR C 48 17.98 -8.89 -18.05
C TYR C 48 17.24 -10.21 -17.83
N ALA C 49 16.61 -10.73 -18.88
CA ALA C 49 15.92 -12.01 -18.82
C ALA C 49 16.90 -13.10 -19.25
N THR C 50 16.39 -14.28 -19.56
CA THR C 50 17.27 -15.36 -20.01
C THR C 50 17.98 -15.00 -21.32
N SER C 51 17.20 -14.59 -22.35
CA SER C 51 17.81 -14.37 -23.66
C SER C 51 17.20 -13.20 -24.44
N ASN C 52 16.67 -12.18 -23.77
CA ASN C 52 16.04 -11.09 -24.52
C ASN C 52 16.99 -9.97 -24.90
N LEU C 53 18.25 -10.01 -24.47
CA LEU C 53 19.32 -9.17 -25.02
C LEU C 53 18.98 -7.67 -24.86
N ASP C 54 19.12 -7.21 -23.62
CA ASP C 54 19.03 -5.77 -23.33
C ASP C 54 19.76 -4.95 -24.37
N SER C 55 19.20 -3.79 -24.69
CA SER C 55 19.76 -2.91 -25.71
C SER C 55 21.11 -2.36 -25.28
N GLY C 56 21.74 -1.63 -26.20
CA GLY C 56 23.06 -1.09 -25.97
C GLY C 56 24.20 -2.03 -26.25
N VAL C 57 23.93 -3.18 -26.87
CA VAL C 57 24.97 -4.16 -27.19
C VAL C 57 24.74 -4.64 -28.62
N PRO C 58 25.80 -4.95 -29.38
CA PRO C 58 25.60 -5.52 -30.71
C PRO C 58 24.87 -6.86 -30.65
N LYS C 59 24.09 -7.14 -31.70
CA LYS C 59 23.27 -8.34 -31.77
C LYS C 59 24.14 -9.57 -32.02
N ARG C 60 24.94 -9.91 -31.02
CA ARG C 60 25.93 -10.97 -31.15
C ARG C 60 26.05 -11.87 -29.93
N PHE C 61 25.17 -11.73 -28.94
CA PHE C 61 25.23 -12.53 -27.73
C PHE C 61 23.86 -13.11 -27.41
N SER C 62 23.83 -14.23 -26.72
CA SER C 62 22.58 -14.88 -26.36
C SER C 62 22.76 -15.72 -25.10
N GLY C 63 21.90 -15.50 -24.12
CA GLY C 63 21.91 -16.31 -22.92
C GLY C 63 21.07 -17.57 -23.08
N SER C 64 21.73 -18.69 -23.33
CA SER C 64 21.02 -19.92 -23.62
C SER C 64 20.27 -20.42 -22.40
N ARG C 65 19.11 -21.02 -22.65
CA ARG C 65 18.27 -21.59 -21.59
C ARG C 65 18.25 -23.11 -21.75
N SER C 66 18.52 -23.82 -20.67
CA SER C 66 18.53 -25.28 -20.69
C SER C 66 18.28 -25.78 -19.28
N GLY C 67 18.01 -27.08 -19.18
CA GLY C 67 17.65 -27.70 -17.91
C GLY C 67 18.68 -27.54 -16.81
N SER C 68 18.34 -26.73 -15.80
CA SER C 68 19.16 -26.55 -14.61
C SER C 68 20.56 -26.03 -14.93
N ASP C 69 20.74 -25.45 -16.11
CA ASP C 69 22.02 -24.88 -16.49
C ASP C 69 21.83 -23.86 -17.61
N TYR C 70 22.52 -22.72 -17.49
CA TYR C 70 22.40 -21.62 -18.43
C TYR C 70 23.78 -21.22 -18.94
N SER C 71 23.83 -20.71 -20.16
CA SER C 71 25.09 -20.32 -20.75
C SER C 71 24.89 -19.09 -21.63
N LEU C 72 25.97 -18.33 -21.81
CA LEU C 72 26.00 -17.15 -22.66
C LEU C 72 26.89 -17.44 -23.85
N THR C 73 26.35 -17.29 -25.05
CA THR C 73 27.04 -17.66 -26.28
C THR C 73 27.51 -16.42 -27.02
N ILE C 74 28.75 -16.46 -27.51
CA ILE C 74 29.30 -15.41 -28.34
C ILE C 74 29.41 -15.92 -29.77
N SER C 75 29.00 -15.09 -30.74
CA SER C 75 29.08 -15.50 -32.14
C SER C 75 30.53 -15.57 -32.60
N SER C 76 31.25 -14.46 -32.52
CA SER C 76 32.67 -14.40 -32.87
C SER C 76 33.30 -13.24 -32.12
N LEU C 77 34.36 -13.52 -31.37
CA LEU C 77 34.99 -12.50 -30.55
C LEU C 77 35.53 -11.36 -31.42
N GLU C 78 35.24 -10.13 -31.01
CA GLU C 78 35.76 -8.94 -31.68
C GLU C 78 37.11 -8.51 -31.13
N THR C 79 37.86 -9.44 -30.54
CA THR C 79 39.19 -9.27 -29.96
C THR C 79 39.27 -8.12 -28.97
N GLU C 80 38.13 -7.62 -28.50
CA GLU C 80 38.08 -6.54 -27.52
C GLU C 80 36.91 -6.78 -26.58
N ASP C 81 36.99 -6.16 -25.40
CA ASP C 81 35.90 -6.14 -24.41
C ASP C 81 35.53 -7.55 -23.98
N PHE C 82 36.54 -8.30 -23.52
CA PHE C 82 36.33 -9.70 -23.18
C PHE C 82 37.07 -10.12 -21.91
N VAL C 83 37.35 -9.19 -20.99
CA VAL C 83 38.21 -9.52 -19.86
C VAL C 83 37.46 -10.36 -18.82
N ASP C 84 36.37 -9.83 -18.24
CA ASP C 84 35.60 -10.53 -17.22
C ASP C 84 34.12 -10.43 -17.55
N TYR C 85 33.40 -11.54 -17.35
CA TYR C 85 31.95 -11.60 -17.47
C TYR C 85 31.35 -12.18 -16.19
N TYR C 86 30.20 -11.66 -15.79
CA TYR C 86 29.51 -12.08 -14.58
C TYR C 86 28.12 -12.62 -14.89
N CYS C 87 27.67 -13.57 -14.08
CA CYS C 87 26.31 -14.09 -14.15
C CYS C 87 25.69 -14.09 -12.77
N LEU C 88 24.43 -13.69 -12.67
CA LEU C 88 23.75 -13.59 -11.39
C LEU C 88 22.25 -13.74 -11.59
N GLN C 89 21.59 -14.27 -10.56
CA GLN C 89 20.14 -14.44 -10.56
C GLN C 89 19.51 -13.59 -9.47
N TYR C 90 18.18 -13.45 -9.54
CA TYR C 90 17.46 -12.68 -8.53
C TYR C 90 16.11 -13.32 -8.19
N ALA C 91 15.91 -14.61 -8.48
CA ALA C 91 14.63 -15.24 -8.20
C ALA C 91 14.42 -15.47 -6.71
N THR C 92 15.49 -15.67 -5.95
CA THR C 92 15.41 -15.89 -4.51
C THR C 92 15.86 -14.65 -3.78
N SER C 93 15.28 -14.43 -2.59
CA SER C 93 15.53 -13.19 -1.85
C SER C 93 17.01 -12.96 -1.57
N PRO C 94 17.80 -13.94 -1.08
CA PRO C 94 19.25 -13.74 -1.00
C PRO C 94 19.88 -13.89 -2.37
N TYR C 95 20.27 -12.76 -2.96
CA TYR C 95 20.92 -12.76 -4.26
C TYR C 95 22.41 -13.01 -4.11
N THR C 96 23.04 -13.47 -5.18
CA THR C 96 24.47 -13.73 -5.18
C THR C 96 25.02 -13.58 -6.59
N PHE C 97 26.34 -13.40 -6.66
CA PHE C 97 27.04 -13.28 -7.92
C PHE C 97 27.54 -14.63 -8.40
N GLY C 98 28.29 -14.61 -9.50
CA GLY C 98 28.99 -15.79 -9.97
C GLY C 98 30.44 -15.48 -10.24
N GLY C 99 31.35 -16.09 -9.47
CA GLY C 99 32.76 -15.77 -9.60
C GLY C 99 33.41 -16.56 -10.73
N GLY C 100 34.32 -15.90 -11.43
CA GLY C 100 35.06 -16.49 -12.52
C GLY C 100 34.99 -15.66 -13.79
N THR C 101 35.93 -15.93 -14.67
CA THR C 101 36.03 -15.23 -15.95
C THR C 101 34.86 -15.59 -16.86
N ILE D 1 31.15 6.32 4.60
CA ILE D 1 29.83 6.78 4.24
C ILE D 1 29.74 7.07 2.75
N SER D 2 28.98 6.25 2.03
CA SER D 2 28.82 6.39 0.59
C SER D 2 27.44 6.95 0.26
N CYS D 3 27.36 7.65 -0.87
CA CYS D 3 26.11 8.24 -1.32
C CYS D 3 26.17 8.47 -2.82
N LYS D 4 25.00 8.49 -3.45
CA LYS D 4 24.91 8.75 -4.88
C LYS D 4 23.51 9.27 -5.19
N SER D 5 23.42 10.00 -6.30
CA SER D 5 22.17 10.56 -6.77
C SER D 5 21.98 10.21 -8.24
N SER D 6 20.72 10.21 -8.68
CA SER D 6 20.35 9.77 -10.02
C SER D 6 19.43 10.80 -10.66
N GLY D 7 18.97 10.49 -11.87
CA GLY D 7 18.15 11.41 -12.63
C GLY D 7 16.83 10.84 -13.11
N TYR D 8 16.57 9.57 -12.80
CA TYR D 8 15.32 8.92 -13.17
C TYR D 8 14.28 9.17 -12.08
N ALA D 9 13.15 8.47 -12.14
CA ALA D 9 12.13 8.58 -11.11
C ALA D 9 12.65 7.93 -9.83
N PHE D 10 13.14 8.75 -8.90
CA PHE D 10 13.79 8.21 -7.71
C PHE D 10 12.83 7.39 -6.88
N SER D 11 11.60 7.86 -6.68
CA SER D 11 10.60 7.07 -6.00
C SER D 11 10.14 5.93 -6.90
N SER D 12 9.50 4.93 -6.28
CA SER D 12 9.00 3.76 -7.00
C SER D 12 10.13 3.00 -7.68
N SER D 13 11.15 2.63 -6.90
CA SER D 13 12.27 1.87 -7.40
C SER D 13 13.02 1.27 -6.21
N TRP D 14 14.11 0.56 -6.51
CA TRP D 14 15.02 0.08 -5.49
C TRP D 14 16.44 0.55 -5.77
N MET D 15 17.20 0.67 -4.69
CA MET D 15 18.59 1.12 -4.73
C MET D 15 19.46 -0.03 -4.23
N ASN D 16 20.04 -0.79 -5.16
CA ASN D 16 20.83 -1.96 -4.82
C ASN D 16 22.24 -1.53 -4.43
N TRP D 17 22.75 -2.14 -3.35
CA TRP D 17 24.11 -1.90 -2.89
C TRP D 17 24.78 -3.25 -2.67
N VAL D 18 25.65 -3.65 -3.60
CA VAL D 18 26.36 -4.92 -3.50
C VAL D 18 27.82 -4.66 -3.88
N LYS D 19 28.73 -5.32 -3.17
CA LYS D 19 30.15 -5.25 -3.49
C LYS D 19 30.40 -5.83 -4.89
N ILE D 29 23.91 -6.94 -0.99
CA ILE D 29 23.91 -6.78 0.45
C ILE D 29 22.56 -6.29 0.93
N GLY D 30 22.10 -5.18 0.35
CA GLY D 30 20.84 -4.60 0.77
C GLY D 30 20.20 -3.79 -0.35
N ARG D 31 18.92 -3.49 -0.15
CA ARG D 31 18.14 -2.72 -1.09
C ARG D 31 16.97 -2.06 -0.36
N ILE D 32 16.52 -0.92 -0.88
CA ILE D 32 15.51 -0.12 -0.20
C ILE D 32 14.53 0.45 -1.23
N TYR D 33 13.27 0.58 -0.81
CA TYR D 33 12.26 1.28 -1.59
C TYR D 33 12.10 2.67 -0.99
N PRO D 34 12.44 3.74 -1.71
CA PRO D 34 12.56 5.05 -1.05
C PRO D 34 11.28 5.54 -0.41
N GLU D 35 10.12 5.23 -0.97
CA GLU D 35 8.85 5.59 -0.37
C GLU D 35 8.33 4.40 0.43
N ASN D 36 7.93 4.66 1.67
CA ASN D 36 7.57 3.61 2.63
C ASN D 36 8.73 2.62 2.75
N GLY D 37 9.85 3.13 3.25
CA GLY D 37 11.10 2.38 3.29
C GLY D 37 11.02 1.05 4.00
N GLU D 38 11.14 -0.03 3.24
CA GLU D 38 11.20 -1.39 3.77
C GLU D 38 12.51 -2.02 3.32
N THR D 39 13.45 -2.16 4.25
CA THR D 39 14.78 -2.62 3.90
C THR D 39 14.80 -4.13 3.72
N ASN D 40 15.82 -4.61 3.02
CA ASN D 40 16.05 -6.04 2.83
C ASN D 40 17.52 -6.34 3.11
N TYR D 41 17.75 -7.33 3.95
CA TYR D 41 19.10 -7.78 4.29
C TYR D 41 19.27 -9.22 3.83
N ASN D 42 20.38 -9.47 3.12
CA ASN D 42 20.70 -10.80 2.62
C ASN D 42 22.16 -11.08 2.90
N GLY D 43 22.62 -12.25 2.46
CA GLY D 43 23.98 -12.66 2.71
C GLY D 43 24.27 -12.81 4.19
N LYS D 44 25.03 -11.88 4.75
CA LYS D 44 25.37 -11.90 6.16
C LYS D 44 24.21 -11.35 6.99
N PHE D 45 24.48 -11.08 8.26
CA PHE D 45 23.50 -10.48 9.16
C PHE D 45 23.41 -8.99 8.87
N LYS D 46 22.81 -8.22 9.80
CA LYS D 46 22.81 -6.77 9.65
C LYS D 46 24.22 -6.24 9.38
N GLY D 47 25.20 -6.77 10.12
CA GLY D 47 26.59 -6.53 9.78
C GLY D 47 26.96 -5.07 9.80
N LYS D 48 27.62 -4.63 8.72
CA LYS D 48 28.15 -3.28 8.63
C LYS D 48 27.35 -2.38 7.70
N ALA D 49 26.39 -2.92 6.96
CA ALA D 49 25.78 -2.20 5.84
C ALA D 49 24.28 -2.09 6.00
N THR D 50 23.80 -1.81 7.21
CA THR D 50 22.43 -1.37 7.36
C THR D 50 22.30 0.06 6.81
N LEU D 51 21.20 0.33 6.13
CA LEU D 51 21.14 1.49 5.25
C LEU D 51 19.82 2.23 5.43
N THR D 52 19.81 3.47 4.95
CA THR D 52 18.64 4.34 4.96
C THR D 52 18.49 4.98 3.58
N ALA D 53 17.41 5.73 3.40
CA ALA D 53 17.15 6.39 2.14
C ALA D 53 16.38 7.69 2.37
N ASP D 54 16.60 8.66 1.49
CA ASP D 54 15.92 9.94 1.52
C ASP D 54 15.25 10.16 0.17
N LYS D 55 13.92 10.24 0.17
CA LYS D 55 13.20 10.47 -1.08
C LYS D 55 13.29 11.92 -1.54
N SER D 56 13.35 12.87 -0.60
CA SER D 56 13.35 14.28 -0.97
C SER D 56 14.63 14.66 -1.72
N SER D 57 15.78 14.18 -1.24
CA SER D 57 17.06 14.56 -1.82
C SER D 57 17.47 13.69 -3.00
N ARG D 58 16.68 12.66 -3.32
CA ARG D 58 16.97 11.76 -4.43
C ARG D 58 18.33 11.10 -4.26
N SER D 59 18.56 10.54 -3.07
CA SER D 59 19.83 9.88 -2.77
C SER D 59 19.62 8.89 -1.64
N ALA D 60 20.59 7.99 -1.49
CA ALA D 60 20.60 7.00 -0.43
C ALA D 60 21.95 7.00 0.26
N TYR D 61 21.97 6.64 1.54
CA TYR D 61 23.15 6.76 2.36
C TYR D 61 23.43 5.46 3.13
N MET D 62 24.71 5.20 3.35
CA MET D 62 25.15 4.16 4.27
C MET D 62 26.09 4.79 5.29
N GLN D 63 25.89 4.50 6.57
CA GLN D 63 26.75 5.07 7.59
C GLN D 63 28.00 4.22 7.83
N LEU D 64 27.92 2.91 7.55
CA LEU D 64 29.07 2.02 7.53
C LEU D 64 29.80 2.02 8.88
N ASN D 65 29.08 1.52 9.89
CA ASN D 65 29.67 1.31 11.20
C ASN D 65 30.64 0.12 11.17
N SER D 66 31.38 -0.07 12.26
CA SER D 66 32.37 -1.14 12.38
C SER D 66 33.41 -1.03 11.27
N LEU D 67 34.21 0.03 11.37
CA LEU D 67 35.09 0.50 10.30
C LEU D 67 36.33 -0.37 10.12
N THR D 68 36.35 -1.58 10.65
CA THR D 68 37.50 -2.47 10.45
C THR D 68 37.57 -2.91 8.99
N SER D 69 38.56 -3.75 8.69
CA SER D 69 39.22 -3.75 7.38
C SER D 69 38.48 -4.49 6.26
N GLU D 70 37.37 -5.17 6.53
CA GLU D 70 36.72 -5.94 5.47
C GLU D 70 35.82 -5.10 4.58
N ASP D 71 36.00 -3.78 4.57
CA ASP D 71 35.26 -2.87 3.72
C ASP D 71 36.21 -2.10 2.80
N SER D 72 37.12 -2.82 2.15
CA SER D 72 38.30 -2.19 1.60
C SER D 72 38.06 -1.56 0.23
N ALA D 73 37.77 -2.38 -0.79
CA ALA D 73 38.07 -1.95 -2.16
C ALA D 73 36.99 -1.04 -2.74
N VAL D 74 35.79 -1.58 -2.97
CA VAL D 74 34.78 -0.86 -3.75
C VAL D 74 33.39 -1.31 -3.30
N TYR D 75 32.44 -0.37 -3.35
CA TYR D 75 31.02 -0.66 -3.27
C TYR D 75 30.33 0.02 -4.45
N PHE D 76 29.50 -0.73 -5.15
CA PHE D 76 28.85 -0.25 -6.37
C PHE D 76 27.41 0.16 -6.07
N CYS D 77 27.05 1.33 -6.60
CA CYS D 77 25.69 1.85 -6.49
C CYS D 77 24.89 1.37 -7.70
N ALA D 78 23.94 0.46 -7.45
CA ALA D 78 23.17 -0.17 -8.51
C ALA D 78 21.70 0.16 -8.36
N ARG D 79 21.03 0.31 -9.49
CA ARG D 79 19.63 0.75 -9.54
C ARG D 79 18.72 -0.40 -9.93
N SER D 80 17.65 -0.58 -9.18
CA SER D 80 16.65 -1.60 -9.46
C SER D 80 15.29 -0.94 -9.64
N GLY D 81 14.53 -1.43 -10.62
CA GLY D 81 13.26 -0.81 -10.93
C GLY D 81 12.04 -1.69 -10.74
N TYR D 82 11.13 -1.23 -9.87
CA TYR D 82 9.79 -1.82 -9.72
C TYR D 82 9.87 -3.31 -9.35
N TYR D 83 10.40 -3.55 -8.15
CA TYR D 83 10.26 -4.84 -7.48
C TYR D 83 10.72 -6.03 -8.30
N PHE D 84 9.86 -6.51 -9.20
CA PHE D 84 9.89 -7.88 -9.70
C PHE D 84 10.85 -8.10 -10.86
N SER D 85 10.66 -7.39 -11.97
CA SER D 85 11.41 -7.68 -13.19
C SER D 85 11.97 -6.39 -13.79
N SER D 86 12.86 -6.56 -14.76
CA SER D 86 13.46 -5.45 -15.51
C SER D 86 14.18 -4.48 -14.58
N ASN D 87 15.25 -4.98 -13.96
CA ASN D 87 16.00 -4.18 -12.98
C ASN D 87 17.50 -4.26 -13.20
N TYR D 88 18.26 -3.76 -12.22
CA TYR D 88 19.72 -3.80 -12.22
C TYR D 88 20.32 -2.95 -13.34
N ASP D 89 19.81 -1.73 -13.48
CA ASP D 89 20.32 -0.77 -14.47
C ASP D 89 21.43 0.04 -13.81
N PHE D 90 22.64 -0.52 -13.85
CA PHE D 90 23.79 0.10 -13.20
C PHE D 90 24.09 1.48 -13.77
N ALA E 1 -21.24 -17.45 46.91
CA ALA E 1 -20.65 -17.51 48.23
C ALA E 1 -20.99 -16.26 49.02
N LYS E 2 -19.96 -15.53 49.45
CA LYS E 2 -20.11 -14.26 50.13
C LYS E 2 -19.43 -13.18 49.30
N LEU E 3 -20.21 -12.21 48.81
CA LEU E 3 -19.64 -11.12 48.05
C LEU E 3 -18.75 -10.27 48.94
N GLU E 4 -17.50 -10.06 48.49
CA GLU E 4 -16.54 -9.26 49.23
C GLU E 4 -15.83 -8.36 48.24
N THR E 5 -15.27 -7.25 48.75
CA THR E 5 -14.58 -6.30 47.89
C THR E 5 -13.44 -6.99 47.15
N VAL E 6 -13.61 -7.14 45.84
CA VAL E 6 -12.63 -7.78 44.98
C VAL E 6 -11.84 -6.68 44.29
N THR E 7 -10.51 -6.82 44.30
CA THR E 7 -9.61 -5.82 43.73
C THR E 7 -8.77 -6.48 42.64
N LEU E 8 -9.32 -6.51 41.44
CA LEU E 8 -8.55 -7.00 40.29
C LEU E 8 -7.68 -5.89 39.75
N GLY E 9 -6.40 -6.20 39.53
CA GLY E 9 -5.45 -5.17 39.17
C GLY E 9 -4.64 -5.45 37.93
N ASN E 10 -3.82 -4.48 37.53
CA ASN E 10 -2.97 -4.57 36.35
C ASN E 10 -3.79 -4.87 35.10
N ILE E 11 -4.78 -4.00 34.85
CA ILE E 11 -5.64 -4.11 33.68
C ILE E 11 -5.66 -2.77 32.97
N GLY E 12 -6.31 -2.75 31.82
CA GLY E 12 -6.36 -1.59 30.96
C GLY E 12 -5.46 -1.75 29.74
N LYS E 13 -5.70 -0.88 28.76
CA LYS E 13 -4.91 -0.92 27.54
C LYS E 13 -3.43 -0.74 27.84
N ASP E 14 -3.11 0.27 28.65
CA ASP E 14 -1.74 0.40 29.15
C ASP E 14 -1.44 -0.68 30.19
N GLY E 15 -2.45 -1.10 30.93
CA GLY E 15 -2.30 -2.14 31.93
C GLY E 15 -1.86 -1.65 33.30
N LYS E 16 -1.49 -0.38 33.43
CA LYS E 16 -0.99 0.11 34.71
C LYS E 16 -2.11 0.34 35.70
N GLN E 17 -3.24 0.84 35.23
CA GLN E 17 -4.32 1.26 36.13
C GLN E 17 -5.02 0.05 36.73
N THR E 18 -5.81 0.32 37.77
CA THR E 18 -6.56 -0.71 38.47
C THR E 18 -7.83 -0.09 39.04
N LEU E 19 -8.78 -0.95 39.41
CA LEU E 19 -10.03 -0.52 40.01
C LEU E 19 -10.39 -1.44 41.16
N VAL E 20 -11.28 -0.96 42.02
CA VAL E 20 -11.77 -1.74 43.15
C VAL E 20 -13.28 -1.90 42.99
N LEU E 21 -13.81 -2.96 43.59
CA LEU E 21 -15.23 -3.28 43.50
C LEU E 21 -15.81 -3.40 44.91
N ASN E 22 -17.03 -2.90 45.08
CA ASN E 22 -17.72 -2.97 46.36
C ASN E 22 -19.04 -3.70 46.19
N PRO E 23 -19.33 -4.69 47.03
CA PRO E 23 -20.62 -5.39 46.93
C PRO E 23 -21.78 -4.44 47.23
N ARG E 24 -22.90 -4.65 46.53
CA ARG E 24 -24.09 -3.84 46.73
C ARG E 24 -25.32 -4.68 47.02
N GLY E 25 -25.15 -5.96 47.36
CA GLY E 25 -26.25 -6.77 47.82
C GLY E 25 -27.16 -7.31 46.74
N VAL E 26 -27.57 -8.57 46.88
CA VAL E 26 -28.47 -9.18 45.90
C VAL E 26 -29.90 -8.72 46.17
N ASN E 27 -30.66 -8.54 45.10
CA ASN E 27 -32.08 -8.22 45.24
C ASN E 27 -32.91 -9.49 45.19
N PRO E 28 -33.99 -9.56 45.96
CA PRO E 28 -34.76 -10.81 46.02
C PRO E 28 -35.63 -11.06 44.81
N THR E 29 -35.78 -10.06 43.93
CA THR E 29 -36.72 -10.17 42.82
C THR E 29 -36.36 -11.32 41.89
N ASN E 30 -35.09 -11.39 41.48
CA ASN E 30 -34.66 -12.38 40.50
C ASN E 30 -33.31 -13.01 40.87
N GLY E 31 -32.85 -12.83 42.09
CA GLY E 31 -31.62 -13.46 42.53
C GLY E 31 -30.40 -13.02 41.74
N VAL E 32 -30.24 -11.71 41.53
CA VAL E 32 -29.13 -11.16 40.76
C VAL E 32 -28.26 -10.34 41.70
N ALA E 33 -26.98 -10.67 41.77
CA ALA E 33 -26.06 -9.93 42.61
C ALA E 33 -25.72 -8.60 41.96
N SER E 34 -24.86 -7.83 42.63
CA SER E 34 -24.41 -6.55 42.12
C SER E 34 -23.07 -6.17 42.74
N LEU E 35 -22.20 -5.62 41.92
CA LEU E 35 -20.91 -5.09 42.36
C LEU E 35 -20.72 -3.73 41.71
N SER E 36 -19.89 -2.90 42.33
CA SER E 36 -19.79 -1.52 41.89
C SER E 36 -18.52 -0.87 42.44
N GLN E 37 -18.26 0.34 41.96
CA GLN E 37 -17.16 1.17 42.43
C GLN E 37 -17.70 2.41 43.12
N ALA E 38 -17.17 2.72 44.31
CA ALA E 38 -17.76 3.77 45.13
C ALA E 38 -17.13 5.12 44.86
N GLY E 39 -16.34 5.24 43.78
CA GLY E 39 -15.53 6.43 43.59
C GLY E 39 -16.34 7.70 43.41
N ALA E 40 -17.37 7.65 42.56
CA ALA E 40 -18.00 8.88 42.10
C ALA E 40 -19.50 8.96 42.38
N VAL E 41 -20.16 9.90 41.71
CA VAL E 41 -21.62 10.07 41.81
C VAL E 41 -22.29 8.77 41.40
N PRO E 42 -23.37 8.35 42.07
CA PRO E 42 -23.98 7.04 41.75
C PRO E 42 -24.40 6.87 40.31
N ALA E 43 -24.83 7.93 39.63
CA ALA E 43 -25.17 7.80 38.21
C ALA E 43 -23.95 7.45 37.38
N LEU E 44 -22.81 8.07 37.69
CA LEU E 44 -21.57 7.86 36.93
C LEU E 44 -20.69 6.83 37.64
N GLU E 45 -21.19 5.60 37.66
CA GLU E 45 -20.62 4.57 38.50
C GLU E 45 -20.55 3.25 37.73
N LYS E 46 -19.36 2.65 37.69
CA LYS E 46 -19.18 1.39 36.99
C LYS E 46 -19.90 0.27 37.74
N ARG E 47 -20.59 -0.59 37.00
CA ARG E 47 -21.46 -1.59 37.61
C ARG E 47 -21.15 -2.97 37.04
N VAL E 48 -21.11 -3.97 37.91
CA VAL E 48 -20.88 -5.37 37.55
C VAL E 48 -21.99 -6.20 38.18
N THR E 49 -22.60 -7.08 37.38
CA THR E 49 -23.70 -7.91 37.84
C THR E 49 -23.41 -9.37 37.49
N VAL E 50 -23.53 -10.26 38.47
CA VAL E 50 -23.39 -11.69 38.28
C VAL E 50 -24.63 -12.37 38.84
N SER E 51 -25.19 -13.32 38.07
CA SER E 51 -26.47 -13.95 38.42
C SER E 51 -26.41 -15.44 38.11
N VAL E 52 -26.03 -16.24 39.09
CA VAL E 52 -26.12 -17.69 38.95
C VAL E 52 -27.57 -18.10 39.10
N SER E 53 -28.04 -18.92 38.17
CA SER E 53 -29.44 -19.32 38.14
C SER E 53 -29.59 -20.77 38.60
N GLN E 54 -30.83 -21.27 38.56
CA GLN E 54 -31.19 -22.61 38.97
C GLN E 54 -32.05 -23.23 37.88
N PRO E 55 -32.05 -24.57 37.75
CA PRO E 55 -32.85 -25.21 36.71
C PRO E 55 -34.35 -25.10 36.97
N ASN E 61 -30.71 -27.59 33.13
CA ASN E 61 -29.67 -26.80 32.47
C ASN E 61 -29.47 -25.44 33.16
N TYR E 62 -28.25 -25.19 33.61
CA TYR E 62 -27.95 -23.96 34.33
C TYR E 62 -27.78 -22.80 33.36
N LYS E 63 -27.81 -21.59 33.92
CA LYS E 63 -27.45 -20.38 33.18
C LYS E 63 -26.68 -19.47 34.12
N VAL E 64 -25.44 -19.16 33.76
CA VAL E 64 -24.62 -18.20 34.50
C VAL E 64 -24.41 -17.00 33.59
N GLN E 65 -24.90 -15.84 34.04
CA GLN E 65 -24.88 -14.63 33.23
C GLN E 65 -24.17 -13.51 33.98
N VAL E 66 -23.13 -12.96 33.35
CA VAL E 66 -22.33 -11.89 33.93
C VAL E 66 -22.42 -10.69 32.99
N LYS E 67 -22.82 -9.54 33.53
CA LYS E 67 -22.95 -8.31 32.77
C LYS E 67 -22.09 -7.23 33.41
N ILE E 68 -21.24 -6.59 32.61
CA ILE E 68 -20.44 -5.46 33.04
C ILE E 68 -20.70 -4.30 32.10
N GLN E 69 -20.91 -3.11 32.66
CA GLN E 69 -21.19 -1.91 31.88
C GLN E 69 -20.40 -0.74 32.46
N ASN E 70 -20.00 0.18 31.60
CA ASN E 70 -19.15 1.30 31.99
C ASN E 70 -19.69 2.59 31.40
N PRO E 71 -20.11 3.55 32.22
CA PRO E 71 -20.60 4.82 31.69
C PRO E 71 -19.51 5.88 31.62
N THR E 72 -19.55 6.70 30.57
CA THR E 72 -18.64 7.82 30.42
C THR E 72 -19.46 9.10 30.25
N ALA E 73 -18.99 10.18 30.87
CA ALA E 73 -19.76 11.41 30.93
C ALA E 73 -18.93 12.60 30.46
N CYS E 74 -19.64 13.62 29.99
CA CYS E 74 -19.06 14.91 29.65
C CYS E 74 -19.88 16.00 30.33
N THR E 75 -19.23 17.13 30.56
CA THR E 75 -19.85 18.25 31.28
C THR E 75 -20.69 19.06 30.30
N ALA E 76 -22.00 18.85 30.33
CA ALA E 76 -22.90 19.65 29.50
C ALA E 76 -22.87 21.10 29.97
N ASN E 77 -22.84 22.02 29.02
CA ASN E 77 -22.73 23.44 29.36
C ASN E 77 -23.98 23.93 30.08
N GLY E 78 -25.16 23.51 29.61
CA GLY E 78 -26.40 24.04 30.16
C GLY E 78 -26.62 23.67 31.62
N SER E 79 -26.40 22.42 31.97
CA SER E 79 -26.67 21.92 33.30
C SER E 79 -25.36 21.67 34.05
N CYS E 80 -25.30 22.13 35.30
CA CYS E 80 -24.09 21.97 36.09
C CYS E 80 -23.79 20.50 36.37
N ASP E 81 -24.81 19.72 36.67
CA ASP E 81 -24.59 18.32 37.00
C ASP E 81 -24.17 17.52 35.77
N PRO E 82 -23.22 16.60 35.91
CA PRO E 82 -22.83 15.76 34.77
C PRO E 82 -23.96 14.83 34.35
N SER E 83 -23.98 14.47 33.08
CA SER E 83 -24.98 13.56 32.53
C SER E 83 -24.30 12.43 31.78
N VAL E 84 -24.99 11.28 31.72
CA VAL E 84 -24.46 10.11 31.02
C VAL E 84 -24.54 10.37 29.52
N THR E 85 -23.40 10.21 28.83
CA THR E 85 -23.36 10.45 27.40
C THR E 85 -23.58 9.17 26.62
N ARG E 86 -22.82 8.13 26.93
CA ARG E 86 -22.90 6.87 26.22
C ARG E 86 -22.52 5.75 27.17
N GLN E 87 -23.09 4.58 26.92
CA GLN E 87 -23.00 3.47 27.86
C GLN E 87 -22.41 2.26 27.13
N ALA E 88 -21.34 1.71 27.70
CA ALA E 88 -20.59 0.63 27.06
C ALA E 88 -20.97 -0.69 27.69
N TYR E 89 -21.91 -1.40 27.08
CA TYR E 89 -22.42 -2.64 27.62
C TYR E 89 -21.41 -3.78 27.45
N ALA E 90 -21.75 -4.92 28.03
CA ALA E 90 -21.06 -6.18 27.80
C ALA E 90 -21.92 -7.30 28.38
N ASP E 91 -21.76 -8.50 27.83
CA ASP E 91 -22.62 -9.60 28.23
C ASP E 91 -21.86 -10.91 28.11
N VAL E 92 -21.95 -11.72 29.16
CA VAL E 92 -21.42 -13.09 29.17
C VAL E 92 -22.52 -14.00 29.68
N THR E 93 -22.85 -15.02 28.88
CA THR E 93 -23.96 -15.92 29.19
C THR E 93 -23.50 -17.39 29.08
N PHE E 94 -22.99 -17.92 30.18
CA PHE E 94 -22.62 -19.32 30.22
C PHE E 94 -23.86 -20.20 30.20
N SER E 95 -23.67 -21.45 29.79
CA SER E 95 -24.72 -22.45 29.82
C SER E 95 -24.10 -23.82 30.10
N PHE E 96 -24.88 -24.69 30.73
CA PHE E 96 -24.38 -25.99 31.14
C PHE E 96 -25.53 -26.98 31.24
N THR E 97 -25.18 -28.24 31.39
CA THR E 97 -26.14 -29.31 31.58
C THR E 97 -25.93 -29.92 32.96
N GLN E 98 -27.02 -30.39 33.58
CA GLN E 98 -26.96 -30.84 34.97
C GLN E 98 -25.97 -31.99 35.15
N TYR E 99 -25.67 -32.71 34.06
CA TYR E 99 -24.71 -33.80 34.16
C TYR E 99 -23.27 -33.35 33.90
N SER E 100 -23.06 -32.08 33.56
CA SER E 100 -21.71 -31.60 33.27
C SER E 100 -20.86 -31.63 34.52
N THR E 101 -19.63 -32.13 34.39
CA THR E 101 -18.74 -32.27 35.53
C THR E 101 -18.08 -30.93 35.87
N ASP E 102 -17.10 -30.99 36.76
CA ASP E 102 -16.43 -29.77 37.21
C ASP E 102 -15.39 -29.29 36.19
N GLU E 103 -14.49 -30.20 35.77
CA GLU E 103 -13.40 -29.79 34.90
C GLU E 103 -13.90 -29.36 33.53
N GLU E 104 -14.92 -30.04 33.00
CA GLU E 104 -15.50 -29.63 31.74
C GLU E 104 -16.11 -28.23 31.85
N ARG E 105 -16.71 -27.93 33.01
CA ARG E 105 -17.21 -26.58 33.26
C ARG E 105 -16.07 -25.57 33.28
N ALA E 106 -14.99 -25.90 33.98
CA ALA E 106 -13.89 -24.95 34.14
C ALA E 106 -13.14 -24.72 32.82
N PHE E 107 -13.23 -25.68 31.89
CA PHE E 107 -12.54 -25.51 30.62
C PHE E 107 -13.08 -24.32 29.85
N VAL E 108 -14.39 -24.15 29.83
CA VAL E 108 -14.98 -23.02 29.12
C VAL E 108 -14.50 -21.70 29.71
N ARG E 109 -14.52 -21.59 31.04
CA ARG E 109 -14.08 -20.36 31.69
C ARG E 109 -12.62 -20.09 31.39
N THR E 110 -11.77 -21.11 31.48
CA THR E 110 -10.34 -20.90 31.23
C THR E 110 -10.09 -20.47 29.80
N GLU E 111 -10.74 -21.12 28.83
CA GLU E 111 -10.49 -20.75 27.44
C GLU E 111 -11.01 -19.35 27.15
N LEU E 112 -12.15 -18.97 27.74
CA LEU E 112 -12.68 -17.63 27.50
C LEU E 112 -11.79 -16.58 28.16
N ALA E 113 -11.22 -16.89 29.31
CA ALA E 113 -10.33 -15.94 29.98
C ALA E 113 -9.03 -15.77 29.21
N ALA E 114 -8.49 -16.86 28.68
CA ALA E 114 -7.21 -16.80 27.98
C ALA E 114 -7.35 -16.39 26.52
N LEU E 115 -8.56 -16.43 25.96
CA LEU E 115 -8.72 -16.07 24.56
C LEU E 115 -8.89 -14.56 24.40
N LEU E 116 -9.50 -13.90 25.38
CA LEU E 116 -9.60 -12.45 25.36
C LEU E 116 -8.23 -11.78 25.48
N ALA E 117 -7.23 -12.49 25.97
CA ALA E 117 -5.87 -11.97 26.00
C ALA E 117 -5.09 -12.33 24.73
N SER E 118 -5.64 -13.18 23.88
CA SER E 118 -5.02 -13.51 22.61
C SER E 118 -5.14 -12.33 21.65
N PRO E 119 -4.18 -12.18 20.73
CA PRO E 119 -4.28 -11.08 19.76
C PRO E 119 -5.55 -11.13 18.92
N LEU E 120 -6.09 -12.32 18.69
CA LEU E 120 -7.23 -12.46 17.78
C LEU E 120 -8.44 -11.66 18.26
N LEU E 121 -8.76 -11.73 19.56
CA LEU E 121 -9.91 -10.99 20.04
C LEU E 121 -9.54 -9.61 20.55
N ILE E 122 -8.29 -9.41 21.00
CA ILE E 122 -7.91 -8.07 21.43
C ILE E 122 -7.95 -7.13 20.23
N ASP E 123 -7.56 -7.63 19.05
CA ASP E 123 -7.69 -6.84 17.83
C ASP E 123 -9.13 -6.71 17.37
N ALA E 124 -9.93 -7.77 17.47
CA ALA E 124 -11.32 -7.74 17.03
C ALA E 124 -12.23 -6.93 17.96
N ILE E 125 -11.77 -6.61 19.17
CA ILE E 125 -12.56 -5.81 20.09
C ILE E 125 -11.92 -4.46 20.38
N ASP E 126 -10.68 -4.22 19.96
CA ASP E 126 -10.07 -2.91 20.19
C ASP E 126 -10.47 -1.93 19.10
N GLN E 127 -10.39 -2.35 17.83
CA GLN E 127 -10.65 -1.44 16.71
C GLN E 127 -11.88 -1.86 15.90
N LEU E 128 -12.68 -2.80 16.40
CA LEU E 128 -13.94 -3.19 15.77
C LEU E 128 -13.73 -3.61 14.33
N ASN E 129 -12.64 -4.32 14.06
CA ASN E 129 -12.39 -4.85 12.72
C ASN E 129 -12.68 -6.34 12.67
N PRO E 130 -13.67 -6.78 11.91
CA PRO E 130 -14.00 -8.21 11.89
C PRO E 130 -12.87 -9.04 11.29
N ALA E 131 -12.74 -10.27 11.77
CA ALA E 131 -11.72 -11.16 11.24
C ALA E 131 -12.08 -11.58 9.82
N TYR E 132 -11.05 -11.73 9.00
CA TYR E 132 -11.23 -12.09 7.59
C TYR E 132 -10.77 -13.51 7.31
#